data_8S9I
#
_entry.id   8S9I
#
_cell.length_a   121.789
_cell.length_b   121.789
_cell.length_c   88.501
_cell.angle_alpha   90.00
_cell.angle_beta   90.00
_cell.angle_gamma   120.00
#
_symmetry.space_group_name_H-M   'P 31 2 1'
#
loop_
_entity.id
_entity.type
_entity.pdbx_description
1 polymer 'Dda helicase'
2 polymer 'gp32 C-terminal peptide'
3 polymer dT8
#
loop_
_entity_poly.entity_id
_entity_poly.type
_entity_poly.pdbx_seq_one_letter_code
_entity_poly.pdbx_strand_id
1 'polypeptide(L)'
;MGSSHHHHHHSSGLVPRGSHMTFDDLTEGQKNAFNIVMKAIKEKKHHVTINGPAGTGATTLTKFIIEALISTGETGIILA
APTHAAKKILSKLSGKEASTIHSILKINPVTYEENVLFEQKEVPDLAKCRVLICDEVSMYDRKLFKILLSTIPPWCTIIG
IGDNKQIRPVDPGENTAYISPFFTHKDFYQCELTEVKRSNAPIIDVATDVRNGKWIYDKVVDGHGVRGFTGDTALRDFMV
NYFSIVKSLDDLFENRVMAFTNKSVDKLNSIIRKKIFETDKDFIVGEIIVMQEPLFKTYKIDGKPVSEIIFNNGQLVRII
EAEYTSTFVKARGVPGEYLIRHWDLTVETYGDDEYYREKIKIISSDEELYKFNLFLGKTAETYKNWNKGGKAPWSDFWDA
KSQFSKVKALPASTFHKAQGMSVDRAFIYTPCIHYADVELAQQLLYVGVTRGRYDVFYV
;
A
2 'polypeptide(L)' AATAAKKADKVADDLDAFNVDDF G
3 'polydeoxyribonucleotide' (DT)(DT)(DT)(DT)(DT)(DT)(DT)(DT) B
#
loop_
_chem_comp.id
_chem_comp.type
_chem_comp.name
_chem_comp.formula
DT DNA linking THYMIDINE-5'-MONOPHOSPHATE 'C10 H15 N2 O8 P'
#
# COMPACT_ATOMS: atom_id res chain seq x y z
N ASP A 24 31.35 8.95 0.84
CA ASP A 24 31.80 9.01 2.21
C ASP A 24 31.48 10.40 2.79
N ASP A 25 31.41 11.39 1.90
CA ASP A 25 31.25 12.78 2.30
C ASP A 25 29.85 13.26 1.90
N LEU A 26 29.03 13.56 2.90
CA LEU A 26 27.64 13.97 2.69
C LEU A 26 27.35 15.11 3.65
N THR A 27 26.08 15.45 3.84
CA THR A 27 25.73 16.46 4.83
C THR A 27 25.98 15.91 6.24
N GLU A 28 25.83 16.80 7.22
CA GLU A 28 26.10 16.41 8.61
C GLU A 28 25.22 15.24 9.03
N GLY A 29 23.93 15.29 8.70
CA GLY A 29 23.03 14.20 9.09
C GLY A 29 23.48 12.86 8.56
N GLN A 30 23.85 12.80 7.28
CA GLN A 30 24.30 11.54 6.70
C GLN A 30 25.68 11.15 7.24
N LYS A 31 26.55 12.14 7.48
CA LYS A 31 27.80 11.86 8.18
C LYS A 31 27.57 11.51 9.64
N ASN A 32 26.46 11.98 10.21
CA ASN A 32 26.13 11.65 11.60
C ASN A 32 25.36 10.33 11.68
N ALA A 33 24.42 10.12 10.76
CA ALA A 33 23.55 8.95 10.88
C ALA A 33 24.31 7.65 10.74
N PHE A 34 25.25 7.58 9.80
CA PHE A 34 25.97 6.32 9.56
C PHE A 34 26.74 5.88 10.80
N ASN A 35 27.42 6.82 11.46
CA ASN A 35 28.22 6.47 12.62
C ASN A 35 27.35 6.10 13.82
N ILE A 36 26.33 6.91 14.11
CA ILE A 36 25.42 6.62 15.21
C ILE A 36 24.82 5.23 15.04
N VAL A 37 24.48 4.85 13.80
CA VAL A 37 23.99 3.50 13.54
C VAL A 37 25.06 2.48 13.90
N MET A 38 26.29 2.70 13.42
CA MET A 38 27.36 1.73 13.65
C MET A 38 27.79 1.70 15.11
N LYS A 39 28.00 2.87 15.72
CA LYS A 39 28.37 2.97 17.13
C LYS A 39 27.30 2.42 18.06
N ALA A 40 26.09 2.14 17.54
CA ALA A 40 25.03 1.58 18.35
C ALA A 40 24.89 0.07 18.21
N ILE A 41 25.27 -0.48 17.05
CA ILE A 41 25.08 -1.90 16.79
C ILE A 41 26.40 -2.64 16.98
N LYS A 42 27.52 -1.95 16.77
CA LYS A 42 28.79 -2.44 17.30
C LYS A 42 28.73 -2.49 18.82
N GLU A 43 28.21 -1.42 19.44
CA GLU A 43 27.75 -1.51 20.82
C GLU A 43 26.52 -2.41 20.88
N LYS A 44 26.09 -2.75 22.09
CA LYS A 44 25.08 -3.79 22.22
C LYS A 44 23.66 -3.25 22.12
N LYS A 45 23.31 -2.24 22.95
CA LYS A 45 21.94 -2.12 23.41
C LYS A 45 21.10 -1.05 22.72
N HIS A 46 21.72 -0.05 22.10
CA HIS A 46 20.94 1.04 21.50
C HIS A 46 20.05 0.52 20.39
N HIS A 47 18.87 1.13 20.26
CA HIS A 47 17.99 0.89 19.12
C HIS A 47 17.91 2.16 18.29
N VAL A 48 17.87 2.00 16.97
CA VAL A 48 18.08 3.11 16.06
C VAL A 48 16.92 3.20 15.07
N THR A 49 16.42 4.40 14.86
CA THR A 49 15.59 4.74 13.71
C THR A 49 16.06 6.08 13.17
N ILE A 50 15.97 6.25 11.86
CA ILE A 50 16.37 7.48 11.19
C ILE A 50 15.15 8.08 10.53
N ASN A 51 14.96 9.38 10.68
CA ASN A 51 13.82 10.07 10.08
C ASN A 51 14.34 11.16 9.16
N GLY A 52 14.60 10.79 7.90
CA GLY A 52 14.94 11.74 6.87
C GLY A 52 13.80 11.94 5.90
N PRO A 53 13.11 13.08 5.98
CA PRO A 53 11.99 13.35 5.08
C PRO A 53 12.43 13.65 3.65
N ALA A 54 11.47 14.05 2.80
CA ALA A 54 11.73 14.23 1.38
C ALA A 54 12.92 15.15 1.13
N GLY A 55 13.74 14.79 0.15
CA GLY A 55 14.90 15.56 -0.23
C GLY A 55 16.18 15.21 0.50
N THR A 56 16.06 14.75 1.76
CA THR A 56 17.23 14.46 2.58
C THR A 56 18.01 13.25 2.10
N GLY A 57 17.56 12.58 1.04
CA GLY A 57 18.28 11.44 0.50
C GLY A 57 18.32 10.25 1.45
N ALA A 58 17.16 9.85 1.97
CA ALA A 58 17.11 8.68 2.84
C ALA A 58 17.35 7.40 2.04
N THR A 59 16.73 7.28 0.87
CA THR A 59 17.01 6.16 -0.02
C THR A 59 18.47 6.12 -0.42
N THR A 60 19.14 7.28 -0.48
CA THR A 60 20.57 7.31 -0.72
C THR A 60 21.35 6.89 0.52
N LEU A 61 20.95 7.38 1.68
CA LEU A 61 21.70 7.12 2.90
C LEU A 61 21.61 5.66 3.34
N THR A 62 20.49 4.99 3.03
CA THR A 62 20.37 3.57 3.37
C THR A 62 21.43 2.74 2.65
N LYS A 63 21.80 3.13 1.43
CA LYS A 63 22.74 2.34 0.63
C LYS A 63 24.10 2.22 1.31
N PHE A 64 24.67 3.36 1.73
CA PHE A 64 25.98 3.35 2.37
C PHE A 64 26.00 2.47 3.61
N ILE A 65 24.87 2.41 4.33
CA ILE A 65 24.76 1.53 5.48
C ILE A 65 24.92 0.08 5.05
N ILE A 66 24.52 -0.25 3.82
CA ILE A 66 24.58 -1.63 3.34
C ILE A 66 25.92 -1.96 2.71
N GLU A 67 26.37 -1.17 1.72
CA GLU A 67 27.60 -1.50 1.00
C GLU A 67 28.83 -1.46 1.91
N ALA A 68 28.81 -0.63 2.95
CA ALA A 68 29.91 -0.64 3.91
C ALA A 68 29.89 -1.90 4.75
N LEU A 69 28.70 -2.37 5.13
CA LEU A 69 28.59 -3.50 6.05
C LEU A 69 28.90 -4.83 5.38
N ILE A 70 28.55 -4.98 4.10
CA ILE A 70 28.83 -6.22 3.40
C ILE A 70 30.33 -6.38 3.13
N SER A 71 31.10 -5.30 3.22
CA SER A 71 32.55 -5.36 3.05
C SER A 71 33.27 -5.73 4.35
N THR A 72 32.66 -5.48 5.50
CA THR A 72 33.28 -5.75 6.79
C THR A 72 32.70 -7.00 7.42
N GLY A 73 33.41 -7.52 8.43
CA GLY A 73 32.99 -8.73 9.11
C GLY A 73 31.86 -8.54 10.11
N GLU A 74 30.68 -8.16 9.62
CA GLU A 74 29.48 -8.08 10.45
C GLU A 74 28.39 -8.88 9.75
N THR A 75 28.10 -10.07 10.28
CA THR A 75 27.21 -11.02 9.64
C THR A 75 25.79 -10.90 10.18
N GLY A 76 24.89 -11.74 9.67
CA GLY A 76 23.50 -11.70 10.09
C GLY A 76 22.76 -10.46 9.66
N ILE A 77 23.11 -9.88 8.52
CA ILE A 77 22.41 -8.70 8.00
C ILE A 77 21.22 -9.16 7.20
N ILE A 78 20.01 -8.90 7.72
CA ILE A 78 18.77 -9.27 7.05
C ILE A 78 17.94 -8.01 6.81
N LEU A 79 17.23 -8.01 5.68
CA LEU A 79 16.47 -6.85 5.24
C LEU A 79 14.98 -7.19 5.22
N ALA A 80 14.14 -6.20 5.52
CA ALA A 80 12.70 -6.40 5.61
C ALA A 80 11.97 -5.26 4.92
N ALA A 81 10.66 -5.42 4.78
CA ALA A 81 9.77 -4.40 4.23
C ALA A 81 8.40 -4.58 4.87
N PRO A 82 7.64 -3.50 5.06
CA PRO A 82 6.29 -3.66 5.62
C PRO A 82 5.28 -4.18 4.60
N THR A 83 5.51 -3.86 3.33
CA THR A 83 4.58 -4.23 2.26
C THR A 83 5.35 -4.92 1.13
N HIS A 84 4.60 -5.40 0.13
CA HIS A 84 5.21 -6.05 -1.03
C HIS A 84 5.78 -5.04 -2.01
N ALA A 85 5.20 -3.83 -2.07
CA ALA A 85 5.70 -2.81 -2.98
C ALA A 85 7.11 -2.38 -2.59
N ALA A 86 7.33 -2.08 -1.31
CA ALA A 86 8.62 -1.59 -0.86
C ALA A 86 9.70 -2.66 -0.86
N LYS A 87 9.32 -3.94 -0.90
CA LYS A 87 10.32 -5.01 -0.90
C LYS A 87 11.22 -4.92 -2.13
N LYS A 88 10.62 -4.73 -3.31
CA LYS A 88 11.39 -4.68 -4.54
C LYS A 88 12.37 -3.50 -4.55
N ILE A 89 11.84 -2.29 -4.38
CA ILE A 89 12.64 -1.08 -4.51
C ILE A 89 13.80 -1.02 -3.53
N LEU A 90 13.89 -1.98 -2.60
CA LEU A 90 15.08 -2.19 -1.80
C LEU A 90 15.96 -3.30 -2.34
N SER A 91 15.41 -4.50 -2.54
CA SER A 91 16.19 -5.61 -3.10
C SER A 91 16.65 -5.31 -4.52
N LYS A 92 15.98 -4.40 -5.23
CA LYS A 92 16.50 -3.88 -6.48
C LYS A 92 17.48 -2.74 -6.27
N LEU A 93 17.43 -2.09 -5.11
CA LEU A 93 18.38 -1.02 -4.79
C LEU A 93 19.69 -1.59 -4.24
N SER A 94 19.61 -2.63 -3.40
CA SER A 94 20.81 -3.12 -2.71
C SER A 94 21.51 -4.23 -3.48
N GLY A 95 20.84 -5.36 -3.69
CA GLY A 95 21.46 -6.51 -4.30
C GLY A 95 21.30 -7.78 -3.48
N LYS A 96 20.93 -7.63 -2.21
CA LYS A 96 20.63 -8.77 -1.36
C LYS A 96 19.12 -8.93 -1.21
N GLU A 97 18.67 -10.18 -1.10
CA GLU A 97 17.24 -10.47 -1.09
C GLU A 97 16.57 -9.86 0.14
N ALA A 98 15.44 -9.21 -0.09
CA ALA A 98 14.60 -8.66 0.96
C ALA A 98 13.31 -9.47 1.06
N SER A 99 12.47 -9.10 2.02
CA SER A 99 11.20 -9.78 2.23
C SER A 99 10.28 -8.87 3.03
N THR A 100 9.01 -9.25 3.07
CA THR A 100 8.05 -8.54 3.91
C THR A 100 8.37 -8.79 5.38
N ILE A 101 8.01 -7.81 6.22
CA ILE A 101 8.27 -7.94 7.65
C ILE A 101 7.46 -9.09 8.22
N HIS A 102 6.32 -9.40 7.61
CA HIS A 102 5.52 -10.53 8.05
C HIS A 102 6.20 -11.85 7.67
N SER A 103 6.62 -11.99 6.41
CA SER A 103 7.26 -13.22 5.95
C SER A 103 8.46 -13.58 6.84
N ILE A 104 9.22 -12.58 7.27
CA ILE A 104 10.41 -12.85 8.08
C ILE A 104 10.00 -13.27 9.49
N LEU A 105 9.15 -12.48 10.14
CA LEU A 105 8.88 -12.67 11.57
C LEU A 105 7.67 -13.56 11.80
N LYS A 106 7.82 -14.84 11.44
CA LYS A 106 6.84 -15.87 11.77
C LYS A 106 5.44 -15.48 11.30
N ILE A 107 5.29 -15.52 9.98
CA ILE A 107 4.32 -14.73 9.23
C ILE A 107 2.97 -14.60 9.91
N ASN A 108 2.53 -13.35 10.08
CA ASN A 108 1.18 -13.04 10.50
C ASN A 108 0.41 -12.58 9.27
N PRO A 109 -0.59 -13.32 8.81
CA PRO A 109 -1.30 -12.94 7.57
C PRO A 109 -2.20 -11.73 7.77
N VAL A 110 -3.07 -11.48 6.77
CA VAL A 110 -3.99 -10.34 6.79
C VAL A 110 -4.66 -10.20 8.15
N THR A 111 -4.94 -11.34 8.80
CA THR A 111 -5.33 -11.38 10.21
C THR A 111 -4.19 -12.00 11.00
N TYR A 112 -3.70 -11.27 12.01
CA TYR A 112 -2.40 -11.56 12.61
C TYR A 112 -2.38 -12.89 13.35
N GLU A 113 -1.24 -13.56 13.30
CA GLU A 113 -1.02 -14.84 13.95
C GLU A 113 0.46 -14.95 14.30
N GLU A 114 0.91 -16.15 14.68
CA GLU A 114 2.29 -16.36 15.09
C GLU A 114 2.77 -17.73 14.63
N ASN A 115 4.08 -17.82 14.34
CA ASN A 115 4.79 -19.08 14.11
C ASN A 115 4.15 -19.93 13.01
N VAL A 116 3.31 -19.35 12.17
CA VAL A 116 2.59 -20.08 11.13
C VAL A 116 3.22 -19.72 9.79
N LEU A 117 3.84 -20.70 9.14
CA LEU A 117 4.48 -20.50 7.85
C LEU A 117 3.51 -20.84 6.73
N PHE A 118 3.38 -19.94 5.76
CA PHE A 118 2.54 -20.14 4.59
C PHE A 118 3.35 -20.29 3.31
N GLU A 119 4.27 -19.37 3.04
CA GLU A 119 5.10 -19.46 1.85
C GLU A 119 6.23 -20.45 2.07
N GLN A 120 6.93 -20.79 0.98
CA GLN A 120 8.12 -21.62 1.03
C GLN A 120 9.20 -20.94 0.19
N LYS A 121 10.22 -20.39 0.85
CA LYS A 121 11.34 -19.79 0.15
C LYS A 121 12.68 -20.12 0.80
N GLU A 122 12.70 -21.00 1.80
CA GLU A 122 13.88 -21.20 2.65
C GLU A 122 14.38 -19.85 3.18
N VAL A 123 13.43 -19.00 3.56
CA VAL A 123 13.71 -17.61 3.91
C VAL A 123 14.72 -17.55 5.04
N PRO A 124 15.80 -16.79 4.92
CA PRO A 124 16.77 -16.70 6.01
C PRO A 124 16.28 -15.83 7.16
N ASP A 125 15.06 -16.12 7.63
CA ASP A 125 14.50 -15.50 8.82
C ASP A 125 14.79 -16.33 10.06
N LEU A 126 16.05 -16.73 10.20
CA LEU A 126 16.48 -17.63 11.26
C LEU A 126 16.53 -16.97 12.63
N ALA A 127 16.24 -15.66 12.71
CA ALA A 127 16.38 -14.90 13.95
C ALA A 127 17.78 -15.06 14.53
N LYS A 128 18.75 -15.34 13.67
CA LYS A 128 20.17 -15.40 14.00
C LYS A 128 20.79 -14.23 13.25
N CYS A 129 20.76 -13.05 13.87
CA CYS A 129 21.10 -11.82 13.18
C CYS A 129 21.56 -10.78 14.19
N ARG A 130 22.70 -10.14 13.90
CA ARG A 130 23.12 -9.00 14.68
C ARG A 130 22.44 -7.71 14.24
N VAL A 131 21.85 -7.69 13.05
CA VAL A 131 21.30 -6.50 12.45
C VAL A 131 19.93 -6.81 11.87
N LEU A 132 18.95 -5.95 12.16
CA LEU A 132 17.61 -6.05 11.56
C LEU A 132 17.27 -4.68 10.99
N ILE A 133 17.03 -4.62 9.69
CA ILE A 133 16.74 -3.37 8.98
C ILE A 133 15.33 -3.46 8.38
N CYS A 134 14.56 -2.39 8.53
CA CYS A 134 13.29 -2.25 7.83
C CYS A 134 13.06 -0.79 7.50
N ASP A 135 12.73 -0.52 6.24
CA ASP A 135 12.45 0.82 5.76
C ASP A 135 10.95 1.07 5.72
N GLU A 136 10.59 2.30 5.36
CA GLU A 136 9.19 2.74 5.28
C GLU A 136 8.45 2.44 6.59
N VAL A 137 8.94 3.05 7.67
CA VAL A 137 8.46 2.76 9.02
C VAL A 137 7.23 3.60 9.34
N SER A 138 6.67 4.25 8.33
CA SER A 138 5.51 5.14 8.49
C SER A 138 4.17 4.39 8.43
N MET A 139 4.16 3.06 8.59
CA MET A 139 2.93 2.28 8.43
C MET A 139 2.68 1.30 9.57
N TYR A 140 3.49 1.34 10.63
CA TYR A 140 3.43 0.34 11.69
C TYR A 140 2.40 0.72 12.75
N ASP A 141 1.41 -0.14 12.94
CA ASP A 141 0.54 -0.01 14.10
C ASP A 141 1.19 -0.71 15.30
N ARG A 142 0.56 -0.55 16.46
CA ARG A 142 1.07 -1.21 17.66
C ARG A 142 1.09 -2.73 17.48
N LYS A 143 0.09 -3.26 16.78
CA LYS A 143 -0.07 -4.71 16.65
C LYS A 143 1.16 -5.36 16.03
N LEU A 144 1.86 -4.65 15.14
CA LEU A 144 3.03 -5.21 14.49
C LEU A 144 4.30 -5.02 15.31
N PHE A 145 4.39 -3.95 16.11
CA PHE A 145 5.59 -3.71 16.91
C PHE A 145 5.69 -4.68 18.08
N LYS A 146 4.56 -4.99 18.72
CA LYS A 146 4.59 -5.86 19.89
C LYS A 146 5.01 -7.28 19.49
N ILE A 147 4.52 -7.77 18.35
CA ILE A 147 4.98 -9.05 17.83
C ILE A 147 6.47 -8.99 17.52
N LEU A 148 6.92 -7.87 16.95
CA LEU A 148 8.33 -7.72 16.59
C LEU A 148 9.22 -7.82 17.82
N LEU A 149 8.87 -7.11 18.91
CA LEU A 149 9.68 -7.16 20.11
C LEU A 149 9.67 -8.55 20.74
N SER A 150 8.51 -9.20 20.74
CA SER A 150 8.42 -10.58 21.22
C SER A 150 9.12 -11.58 20.30
N THR A 151 9.60 -11.14 19.13
CA THR A 151 10.27 -11.99 18.17
C THR A 151 11.79 -11.85 18.21
N ILE A 152 12.31 -10.62 18.31
CA ILE A 152 13.75 -10.37 18.11
C ILE A 152 14.56 -11.05 19.20
N PRO A 153 15.68 -11.69 18.87
CA PRO A 153 16.58 -12.25 19.89
C PRO A 153 17.26 -11.14 20.68
N PRO A 154 18.03 -11.48 21.73
CA PRO A 154 18.74 -10.43 22.49
C PRO A 154 19.91 -9.81 21.76
N TRP A 155 20.09 -10.14 20.47
CA TRP A 155 21.20 -9.57 19.70
C TRP A 155 20.79 -9.10 18.31
N CYS A 156 19.51 -8.82 18.06
CA CYS A 156 19.04 -8.35 16.76
C CYS A 156 18.60 -6.90 16.93
N THR A 157 19.56 -5.98 16.82
CA THR A 157 19.26 -4.57 16.96
C THR A 157 18.51 -4.06 15.73
N ILE A 158 17.51 -3.21 15.97
CA ILE A 158 16.60 -2.76 14.93
C ILE A 158 17.05 -1.39 14.45
N ILE A 159 17.31 -1.26 13.14
CA ILE A 159 17.72 -0.01 12.52
C ILE A 159 16.73 0.30 11.41
N GLY A 160 15.84 1.26 11.64
CA GLY A 160 14.85 1.65 10.67
C GLY A 160 15.15 3.02 10.07
N ILE A 161 14.45 3.32 8.98
CA ILE A 161 14.57 4.63 8.33
C ILE A 161 13.27 4.91 7.58
N GLY A 162 12.70 6.09 7.81
CA GLY A 162 11.41 6.43 7.24
C GLY A 162 11.09 7.92 7.29
N ASP A 163 9.80 8.25 7.42
CA ASP A 163 9.34 9.63 7.33
C ASP A 163 8.23 9.83 8.36
N ASN A 164 8.46 10.74 9.31
CA ASN A 164 7.51 10.91 10.42
C ASN A 164 6.30 11.74 10.04
N LYS A 165 6.28 12.33 8.84
CA LYS A 165 5.15 13.13 8.40
C LYS A 165 4.33 12.44 7.31
N GLN A 166 4.61 11.18 7.02
CA GLN A 166 3.75 10.44 6.11
C GLN A 166 2.53 9.93 6.88
N ILE A 167 1.61 9.31 6.13
CA ILE A 167 0.28 8.96 6.67
C ILE A 167 0.44 8.19 7.98
N ARG A 168 -0.25 8.66 9.01
CA ARG A 168 -0.22 7.96 10.29
C ARG A 168 -0.80 6.56 10.10
N PRO A 169 -0.24 5.56 10.79
CA PRO A 169 -0.67 4.17 10.56
C PRO A 169 -2.16 3.99 10.78
N VAL A 170 -2.77 3.16 9.94
CA VAL A 170 -4.21 2.90 10.02
C VAL A 170 -4.45 1.93 11.18
N ASP A 171 -5.07 2.42 12.25
CA ASP A 171 -5.50 1.60 13.37
C ASP A 171 -6.96 1.91 13.63
N PRO A 172 -7.89 1.11 13.10
CA PRO A 172 -9.32 1.37 13.32
C PRO A 172 -9.76 1.20 14.76
N GLY A 173 -8.97 0.54 15.60
CA GLY A 173 -9.32 0.26 16.97
C GLY A 173 -8.82 1.26 18.00
N GLU A 174 -8.28 2.40 17.56
CA GLU A 174 -7.80 3.42 18.48
C GLU A 174 -8.22 4.79 17.96
N ASN A 175 -8.96 5.54 18.79
CA ASN A 175 -9.25 6.93 18.48
C ASN A 175 -8.02 7.81 18.61
N THR A 176 -6.88 7.27 19.02
CA THR A 176 -5.65 8.04 19.16
C THR A 176 -5.00 8.19 17.79
N ALA A 177 -4.99 9.42 17.26
CA ALA A 177 -4.29 9.68 16.01
C ALA A 177 -2.79 9.68 16.27
N TYR A 178 -2.18 8.50 16.21
CA TYR A 178 -0.79 8.33 16.61
C TYR A 178 0.04 7.83 15.43
N ILE A 179 1.25 8.38 15.31
CA ILE A 179 2.20 7.91 14.31
C ILE A 179 2.89 6.64 14.82
N SER A 180 3.51 5.90 13.90
CA SER A 180 4.16 4.63 14.19
C SER A 180 5.11 4.75 15.38
N PRO A 181 5.26 3.69 16.18
CA PRO A 181 6.05 3.81 17.42
C PRO A 181 7.55 3.83 17.20
N PHE A 182 8.02 3.78 15.95
CA PHE A 182 9.45 3.77 15.66
C PHE A 182 10.12 5.12 15.87
N PHE A 183 9.38 6.13 16.34
CA PHE A 183 9.92 7.43 16.70
C PHE A 183 9.85 7.72 18.19
N THR A 184 8.74 7.35 18.83
CA THR A 184 8.50 7.70 20.23
C THR A 184 9.18 6.75 21.19
N HIS A 185 9.36 5.48 20.80
CA HIS A 185 9.81 4.44 21.74
C HIS A 185 11.14 4.81 22.37
N LYS A 186 11.33 4.32 23.60
CA LYS A 186 12.51 4.68 24.39
C LYS A 186 13.79 4.21 23.71
N ASP A 187 13.96 2.90 23.57
CA ASP A 187 15.15 2.38 22.91
C ASP A 187 15.31 2.94 21.51
N PHE A 188 14.20 3.11 20.79
CA PHE A 188 14.22 3.61 19.42
C PHE A 188 14.41 5.13 19.44
N TYR A 189 15.56 5.54 19.95
CA TYR A 189 15.91 6.97 20.00
C TYR A 189 16.42 7.36 18.61
N GLN A 190 15.68 8.22 17.93
CA GLN A 190 15.86 8.44 16.50
C GLN A 190 16.63 9.72 16.23
N CYS A 191 17.45 9.68 15.19
CA CYS A 191 18.09 10.87 14.62
C CYS A 191 17.25 11.37 13.46
N GLU A 192 17.29 12.68 13.24
CA GLU A 192 16.53 13.31 12.16
C GLU A 192 17.46 14.00 11.17
N LEU A 193 17.14 13.85 9.89
CA LEU A 193 17.79 14.60 8.82
C LEU A 193 16.98 15.86 8.55
N THR A 194 17.66 16.97 8.27
CA THR A 194 16.98 18.26 8.23
C THR A 194 17.27 19.11 6.99
N GLU A 195 18.39 18.93 6.31
CA GLU A 195 18.79 19.84 5.24
C GLU A 195 18.62 19.17 3.88
N VAL A 196 17.89 19.84 2.98
CA VAL A 196 17.71 19.36 1.61
C VAL A 196 18.87 19.85 0.77
N LYS A 197 19.32 19.01 -0.17
CA LYS A 197 20.54 19.27 -0.93
C LYS A 197 20.30 19.74 -2.35
N ARG A 198 19.38 19.12 -3.09
CA ARG A 198 19.13 19.55 -4.47
C ARG A 198 18.65 21.00 -4.46
N SER A 199 19.53 21.91 -4.87
CA SER A 199 19.41 23.32 -4.51
C SER A 199 18.12 23.96 -5.01
N ASN A 200 17.45 23.37 -6.00
CA ASN A 200 16.15 23.86 -6.43
C ASN A 200 15.38 22.70 -7.05
N ALA A 201 14.41 22.18 -6.31
CA ALA A 201 13.46 21.19 -6.81
C ALA A 201 12.06 21.74 -6.62
N PRO A 202 11.25 21.86 -7.67
CA PRO A 202 9.89 22.38 -7.48
C PRO A 202 9.05 21.51 -6.57
N ILE A 203 9.26 20.19 -6.59
CA ILE A 203 8.51 19.29 -5.72
C ILE A 203 8.98 19.41 -4.28
N ILE A 204 10.29 19.37 -4.06
CA ILE A 204 10.83 19.42 -2.69
C ILE A 204 10.42 20.73 -2.03
N ASP A 205 10.47 21.84 -2.77
CA ASP A 205 10.02 23.13 -2.25
C ASP A 205 8.52 23.14 -1.94
N VAL A 206 7.75 22.18 -2.45
CA VAL A 206 6.32 22.09 -2.17
C VAL A 206 6.09 21.25 -0.91
N ALA A 207 6.53 19.99 -0.96
CA ALA A 207 6.31 19.07 0.15
C ALA A 207 7.05 19.50 1.41
N THR A 208 7.99 20.44 1.32
CA THR A 208 8.64 20.97 2.51
C THR A 208 7.71 21.94 3.25
N ASP A 209 6.95 22.74 2.52
CA ASP A 209 5.95 23.61 3.15
C ASP A 209 4.67 22.85 3.49
N VAL A 210 4.34 21.80 2.74
CA VAL A 210 3.08 21.10 2.99
C VAL A 210 3.16 20.32 4.30
N ARG A 211 4.35 19.88 4.70
CA ARG A 211 4.50 19.28 6.02
C ARG A 211 4.37 20.31 7.13
N ASN A 212 4.46 21.59 6.78
CA ASN A 212 4.24 22.70 7.71
C ASN A 212 2.83 23.26 7.61
N GLY A 213 1.96 22.66 6.79
CA GLY A 213 0.56 23.03 6.74
C GLY A 213 0.21 24.27 5.94
N LYS A 214 0.57 24.28 4.65
CA LYS A 214 0.12 25.31 3.72
C LYS A 214 -0.65 24.75 2.53
N TRP A 215 -0.40 23.51 2.16
CA TRP A 215 -1.22 22.55 1.40
C TRP A 215 -1.42 22.84 -0.08
N ILE A 216 -1.04 24.03 -0.60
CA ILE A 216 -1.08 24.23 -2.05
C ILE A 216 -0.36 25.50 -2.51
N TYR A 217 0.16 25.46 -3.73
CA TYR A 217 0.55 26.60 -4.57
C TYR A 217 1.09 26.04 -5.88
N ASP A 218 1.36 26.94 -6.83
CA ASP A 218 1.83 26.57 -8.15
C ASP A 218 3.27 27.05 -8.35
N LYS A 219 4.10 26.18 -8.92
CA LYS A 219 5.48 26.54 -9.23
C LYS A 219 5.87 25.89 -10.55
N VAL A 220 6.18 26.71 -11.54
CA VAL A 220 6.43 26.25 -12.91
C VAL A 220 7.89 26.54 -13.24
N VAL A 221 8.70 25.49 -13.35
CA VAL A 221 10.12 25.59 -13.69
C VAL A 221 10.48 24.46 -14.64
N ASP A 222 11.02 24.82 -15.81
CA ASP A 222 11.56 23.91 -16.83
C ASP A 222 10.50 23.01 -17.46
N GLY A 223 9.22 23.23 -17.18
CA GLY A 223 8.15 22.46 -17.79
C GLY A 223 7.92 21.08 -17.21
N HIS A 224 8.83 20.59 -16.37
CA HIS A 224 8.68 19.30 -15.69
C HIS A 224 8.58 19.59 -14.20
N GLY A 225 7.37 19.88 -13.76
CA GLY A 225 7.14 20.31 -12.40
C GLY A 225 5.70 20.19 -11.97
N VAL A 226 5.31 21.03 -11.02
CA VAL A 226 4.00 20.94 -10.38
C VAL A 226 3.12 22.08 -10.88
N ARG A 227 1.91 21.75 -11.30
CA ARG A 227 0.91 22.75 -11.68
C ARG A 227 -0.47 22.12 -11.60
N GLY A 228 -1.46 22.93 -11.22
CA GLY A 228 -2.82 22.46 -11.01
C GLY A 228 -3.81 23.15 -11.93
N PHE A 229 -5.07 22.72 -11.80
CA PHE A 229 -6.15 23.17 -12.68
C PHE A 229 -7.34 23.64 -11.86
N THR A 230 -7.95 24.73 -12.32
CA THR A 230 -9.12 25.33 -11.68
C THR A 230 -10.06 25.83 -12.78
N GLY A 231 -11.15 26.47 -12.36
CA GLY A 231 -12.05 27.11 -13.31
C GLY A 231 -13.16 26.20 -13.80
N ASP A 232 -13.79 26.65 -14.89
CA ASP A 232 -14.89 25.90 -15.49
C ASP A 232 -14.44 24.51 -15.90
N THR A 233 -13.50 24.42 -16.84
CA THR A 233 -12.99 23.14 -17.32
C THR A 233 -11.85 22.66 -16.42
N ALA A 234 -12.15 22.59 -15.12
CA ALA A 234 -11.16 22.17 -14.15
C ALA A 234 -10.71 20.74 -14.41
N LEU A 235 -11.67 19.82 -14.53
CA LEU A 235 -11.34 18.41 -14.74
C LEU A 235 -11.08 18.12 -16.22
N ARG A 236 -11.84 18.75 -17.12
CA ARG A 236 -11.64 18.57 -18.56
C ARG A 236 -10.19 18.84 -18.94
N ASP A 237 -9.70 20.06 -18.65
CA ASP A 237 -8.31 20.38 -18.95
C ASP A 237 -7.37 19.47 -18.18
N PHE A 238 -7.74 19.12 -16.94
CA PHE A 238 -6.91 18.21 -16.14
C PHE A 238 -6.94 16.79 -16.70
N MET A 239 -8.11 16.35 -17.17
CA MET A 239 -8.21 15.02 -17.77
C MET A 239 -7.58 14.99 -19.15
N VAL A 240 -7.88 15.99 -20.00
CA VAL A 240 -7.26 16.06 -21.32
C VAL A 240 -5.75 16.24 -21.20
N ASN A 241 -5.26 16.65 -20.03
CA ASN A 241 -3.83 16.59 -19.75
C ASN A 241 -3.40 15.17 -19.40
N TYR A 242 -4.23 14.45 -18.64
CA TYR A 242 -3.94 13.06 -18.31
C TYR A 242 -3.86 12.20 -19.56
N PHE A 243 -4.94 12.17 -20.35
CA PHE A 243 -5.01 11.34 -21.54
C PHE A 243 -4.02 11.79 -22.60
N SER A 244 -3.47 13.01 -22.50
CA SER A 244 -2.37 13.41 -23.38
C SER A 244 -1.06 12.81 -22.90
N ILE A 245 -0.82 12.82 -21.59
CA ILE A 245 0.36 12.17 -21.03
C ILE A 245 0.34 10.69 -21.34
N VAL A 246 -0.80 10.04 -21.13
CA VAL A 246 -1.00 8.62 -21.46
C VAL A 246 -2.14 8.56 -22.46
N LYS A 247 -1.79 8.46 -23.74
CA LYS A 247 -2.77 8.27 -24.82
C LYS A 247 -2.96 6.78 -25.03
N SER A 248 -3.89 6.20 -24.25
CA SER A 248 -4.23 4.78 -24.32
C SER A 248 -2.99 3.89 -24.28
N LEU A 249 -1.89 4.40 -23.71
CA LEU A 249 -0.59 3.76 -23.85
C LEU A 249 -0.58 2.32 -23.37
N ASP A 250 -1.48 1.94 -22.47
CA ASP A 250 -1.50 0.65 -21.78
C ASP A 250 -0.22 0.45 -20.97
N ASP A 251 0.63 1.46 -20.90
CA ASP A 251 1.85 1.46 -20.10
C ASP A 251 1.72 2.64 -19.14
N LEU A 252 1.03 2.39 -18.03
CA LEU A 252 0.62 3.42 -17.08
C LEU A 252 1.13 3.16 -15.68
N PHE A 253 2.18 2.34 -15.55
CA PHE A 253 2.79 2.08 -14.26
C PHE A 253 3.46 3.32 -13.70
N GLU A 254 3.80 4.29 -14.55
CA GLU A 254 4.54 5.47 -14.15
C GLU A 254 3.68 6.73 -14.12
N ASN A 255 2.48 6.68 -14.69
CA ASN A 255 1.53 7.79 -14.63
C ASN A 255 0.42 7.40 -13.66
N ARG A 256 0.27 8.18 -12.59
CA ARG A 256 -0.57 7.76 -11.47
C ARG A 256 -1.56 8.85 -11.08
N VAL A 257 -2.83 8.46 -10.92
CA VAL A 257 -3.86 9.26 -10.25
C VAL A 257 -4.06 8.70 -8.86
N MET A 258 -4.25 9.58 -7.88
CA MET A 258 -4.32 9.18 -6.49
C MET A 258 -5.42 9.96 -5.79
N ALA A 259 -6.27 9.26 -5.02
CA ALA A 259 -7.40 9.88 -4.36
C ALA A 259 -7.52 9.35 -2.93
N PHE A 260 -8.34 10.03 -2.14
CA PHE A 260 -8.52 9.68 -0.73
C PHE A 260 -9.53 8.54 -0.55
N THR A 261 -10.76 8.74 -1.01
CA THR A 261 -11.85 7.81 -0.75
C THR A 261 -11.84 6.65 -1.75
N ASN A 262 -12.61 5.61 -1.42
CA ASN A 262 -12.87 4.55 -2.40
C ASN A 262 -14.02 4.91 -3.34
N LYS A 263 -14.91 5.81 -2.92
CA LYS A 263 -15.97 6.29 -3.81
C LYS A 263 -15.39 7.09 -4.97
N SER A 264 -14.43 7.96 -4.67
CA SER A 264 -13.85 8.81 -5.72
C SER A 264 -13.06 7.99 -6.72
N VAL A 265 -12.39 6.92 -6.27
CA VAL A 265 -11.50 6.16 -7.14
C VAL A 265 -12.29 5.38 -8.18
N ASP A 266 -13.26 4.57 -7.75
CA ASP A 266 -13.99 3.72 -8.67
C ASP A 266 -14.70 4.51 -9.77
N LYS A 267 -14.92 5.80 -9.55
CA LYS A 267 -15.33 6.68 -10.64
C LYS A 267 -14.18 6.93 -11.61
N LEU A 268 -12.97 7.09 -11.08
CA LEU A 268 -11.84 7.55 -11.89
C LEU A 268 -11.37 6.46 -12.86
N ASN A 269 -11.04 5.28 -12.35
CA ASN A 269 -10.57 4.21 -13.23
C ASN A 269 -11.64 3.81 -14.24
N SER A 270 -12.92 4.01 -13.89
CA SER A 270 -13.99 3.76 -14.86
C SER A 270 -13.87 4.72 -16.04
N ILE A 271 -13.70 6.02 -15.76
CA ILE A 271 -13.49 7.00 -16.82
C ILE A 271 -12.22 6.67 -17.61
N ILE A 272 -11.14 6.39 -16.88
CA ILE A 272 -9.86 6.09 -17.52
C ILE A 272 -10.01 4.88 -18.45
N ARG A 273 -10.62 3.81 -17.95
CA ARG A 273 -10.76 2.58 -18.72
C ARG A 273 -11.49 2.81 -20.04
N LYS A 274 -12.70 3.38 -19.96
CA LYS A 274 -13.53 3.58 -21.14
C LYS A 274 -12.79 4.28 -22.27
N LYS A 275 -11.73 5.04 -21.94
CA LYS A 275 -10.87 5.63 -22.95
C LYS A 275 -9.63 4.78 -23.24
N ILE A 276 -9.00 4.21 -22.21
CA ILE A 276 -7.83 3.37 -22.43
C ILE A 276 -8.25 2.02 -23.02
N PHE A 277 -9.04 1.26 -22.27
CA PHE A 277 -9.57 -0.03 -22.71
C PHE A 277 -11.03 0.19 -23.09
N GLU A 278 -11.30 0.36 -24.38
CA GLU A 278 -12.62 0.76 -24.85
C GLU A 278 -13.62 -0.38 -24.60
N THR A 279 -14.36 -0.26 -23.50
CA THR A 279 -15.45 -1.16 -23.11
C THR A 279 -16.07 -0.59 -21.83
N ASP A 280 -17.24 -1.10 -21.49
CA ASP A 280 -17.90 -0.75 -20.23
C ASP A 280 -17.80 -1.86 -19.19
N LYS A 281 -17.21 -3.00 -19.53
CA LYS A 281 -17.02 -4.05 -18.55
C LYS A 281 -16.05 -3.60 -17.45
N ASP A 282 -16.36 -4.00 -16.22
CA ASP A 282 -15.46 -3.72 -15.11
C ASP A 282 -14.12 -4.43 -15.29
N PHE A 283 -14.07 -5.46 -16.13
CA PHE A 283 -12.85 -6.20 -16.39
C PHE A 283 -12.76 -6.53 -17.88
N ILE A 284 -11.53 -6.57 -18.40
CA ILE A 284 -11.29 -6.92 -19.78
C ILE A 284 -10.11 -7.88 -19.83
N VAL A 285 -10.17 -8.83 -20.78
CA VAL A 285 -9.08 -9.76 -21.01
C VAL A 285 -7.77 -9.02 -21.30
N GLY A 286 -6.65 -9.65 -20.95
CA GLY A 286 -5.34 -9.09 -21.20
C GLY A 286 -4.98 -7.89 -20.36
N GLU A 287 -5.84 -7.50 -19.43
CA GLU A 287 -5.61 -6.34 -18.58
C GLU A 287 -4.81 -6.71 -17.35
N ILE A 288 -4.02 -5.77 -16.85
CA ILE A 288 -3.23 -5.96 -15.64
C ILE A 288 -3.95 -5.30 -14.48
N ILE A 289 -4.16 -6.05 -13.40
CA ILE A 289 -4.87 -5.54 -12.22
C ILE A 289 -4.01 -5.79 -10.98
N VAL A 290 -4.28 -4.98 -9.95
CA VAL A 290 -3.56 -5.06 -8.67
C VAL A 290 -4.49 -5.67 -7.64
N MET A 291 -3.94 -6.56 -6.81
CA MET A 291 -4.74 -7.24 -5.81
C MET A 291 -5.02 -6.32 -4.62
N GLN A 292 -5.91 -6.78 -3.73
CA GLN A 292 -6.16 -6.12 -2.46
C GLN A 292 -6.14 -7.08 -1.28
N GLU A 293 -5.99 -8.37 -1.51
CA GLU A 293 -5.86 -9.38 -0.47
C GLU A 293 -4.84 -10.42 -0.94
N PRO A 294 -4.21 -11.13 0.01
CA PRO A 294 -3.35 -12.26 -0.37
C PRO A 294 -4.20 -13.46 -0.77
N LEU A 295 -4.08 -13.90 -2.02
CA LEU A 295 -4.81 -15.08 -2.48
C LEU A 295 -4.21 -16.32 -1.84
N PHE A 296 -4.91 -16.89 -0.86
CA PHE A 296 -4.47 -18.10 -0.18
C PHE A 296 -4.94 -19.32 -0.97
N LYS A 297 -4.04 -20.26 -1.16
CA LYS A 297 -4.38 -21.57 -1.75
C LYS A 297 -4.27 -22.57 -0.61
N THR A 298 -5.40 -22.90 -0.02
CA THR A 298 -5.47 -23.65 1.23
C THR A 298 -5.73 -25.13 0.95
N TYR A 299 -4.88 -25.99 1.51
CA TYR A 299 -5.03 -27.43 1.41
C TYR A 299 -5.45 -28.01 2.75
N LYS A 300 -6.03 -29.20 2.71
CA LYS A 300 -6.41 -29.95 3.90
C LYS A 300 -5.55 -31.20 3.99
N ILE A 301 -4.85 -31.35 5.10
CA ILE A 301 -4.00 -32.52 5.35
C ILE A 301 -4.36 -33.10 6.72
N ASP A 302 -4.65 -34.39 6.74
CA ASP A 302 -4.93 -35.16 7.96
C ASP A 302 -6.03 -34.56 8.82
N GLY A 303 -6.85 -33.67 8.26
CA GLY A 303 -7.84 -32.97 9.05
C GLY A 303 -7.36 -31.67 9.67
N LYS A 304 -6.15 -31.23 9.34
CA LYS A 304 -5.60 -29.97 9.83
C LYS A 304 -5.27 -29.05 8.67
N PRO A 305 -5.76 -27.81 8.68
CA PRO A 305 -5.54 -26.93 7.54
C PRO A 305 -4.09 -26.45 7.44
N VAL A 306 -3.66 -26.24 6.20
CA VAL A 306 -2.40 -25.57 5.87
C VAL A 306 -2.69 -24.50 4.84
N SER A 307 -1.65 -23.82 4.37
CA SER A 307 -1.83 -22.76 3.38
C SER A 307 -0.51 -22.44 2.71
N GLU A 308 -0.58 -22.02 1.45
CA GLU A 308 0.55 -21.44 0.73
C GLU A 308 0.08 -20.18 0.03
N ILE A 309 0.81 -19.10 0.20
CA ILE A 309 0.47 -17.84 -0.46
C ILE A 309 0.92 -17.92 -1.91
N ILE A 310 0.03 -17.55 -2.83
CA ILE A 310 0.34 -17.56 -4.25
C ILE A 310 0.65 -16.13 -4.68
N PHE A 311 -0.29 -15.22 -4.43
CA PHE A 311 -0.15 -13.82 -4.78
C PHE A 311 -0.33 -12.97 -3.52
N ASN A 312 0.71 -12.23 -3.15
CA ASN A 312 0.67 -11.38 -1.97
C ASN A 312 -0.24 -10.17 -2.24
N ASN A 313 -0.31 -9.24 -1.29
CA ASN A 313 -1.26 -8.13 -1.38
C ASN A 313 -1.03 -7.24 -2.59
N GLY A 314 0.11 -6.55 -2.63
CA GLY A 314 0.40 -5.59 -3.68
C GLY A 314 0.85 -6.17 -4.99
N GLN A 315 0.80 -7.50 -5.13
CA GLN A 315 1.40 -8.17 -6.28
C GLN A 315 0.60 -7.92 -7.55
N LEU A 316 1.27 -7.42 -8.58
CA LEU A 316 0.63 -7.16 -9.86
C LEU A 316 0.45 -8.47 -10.63
N VAL A 317 -0.73 -8.63 -11.24
CA VAL A 317 -1.05 -9.82 -12.00
C VAL A 317 -1.93 -9.45 -13.20
N ARG A 318 -1.97 -10.34 -14.18
CA ARG A 318 -2.67 -10.14 -15.44
C ARG A 318 -3.88 -11.07 -15.53
N ILE A 319 -4.90 -10.65 -16.31
CA ILE A 319 -6.08 -11.46 -16.59
C ILE A 319 -5.83 -12.27 -17.85
N ILE A 320 -6.48 -13.43 -17.95
CA ILE A 320 -6.35 -14.32 -19.10
C ILE A 320 -7.69 -14.63 -19.74
N GLU A 321 -8.70 -14.96 -18.93
CA GLU A 321 -10.04 -15.26 -19.43
C GLU A 321 -11.08 -14.62 -18.52
N ALA A 322 -12.05 -13.94 -19.13
CA ALA A 322 -13.08 -13.22 -18.42
C ALA A 322 -14.46 -13.85 -18.68
N GLU A 323 -15.26 -13.95 -17.62
CA GLU A 323 -16.64 -14.40 -17.75
C GLU A 323 -17.41 -14.02 -16.48
N TYR A 324 -18.65 -13.55 -16.67
CA TYR A 324 -19.54 -13.22 -15.57
C TYR A 324 -20.41 -14.44 -15.28
N THR A 325 -20.32 -14.96 -14.05
CA THR A 325 -21.08 -16.16 -13.69
C THR A 325 -21.81 -16.00 -12.36
N SER A 326 -22.39 -17.10 -11.87
CA SER A 326 -23.03 -17.16 -10.57
C SER A 326 -22.44 -18.33 -9.79
N THR A 327 -22.86 -18.48 -8.54
CA THR A 327 -22.37 -19.54 -7.68
C THR A 327 -23.41 -19.84 -6.61
N PHE A 328 -23.56 -21.12 -6.26
CA PHE A 328 -24.37 -21.51 -5.13
C PHE A 328 -23.58 -21.29 -3.84
N VAL A 329 -24.13 -20.47 -2.95
CA VAL A 329 -23.54 -20.23 -1.63
C VAL A 329 -24.44 -20.88 -0.59
N LYS A 330 -23.83 -21.46 0.44
CA LYS A 330 -24.58 -22.22 1.44
C LYS A 330 -23.74 -22.34 2.70
N ALA A 331 -24.45 -22.50 3.83
CA ALA A 331 -23.82 -22.75 5.12
C ALA A 331 -24.70 -23.69 5.92
N ARG A 332 -24.09 -24.45 6.83
CA ARG A 332 -24.81 -25.42 7.61
C ARG A 332 -25.65 -24.75 8.69
N GLY A 333 -26.84 -25.29 8.93
CA GLY A 333 -27.78 -24.69 9.86
C GLY A 333 -28.55 -23.51 9.32
N VAL A 334 -28.41 -23.21 8.04
CA VAL A 334 -29.01 -22.04 7.41
C VAL A 334 -29.98 -22.53 6.35
N PRO A 335 -31.21 -22.01 6.28
CA PRO A 335 -32.18 -22.52 5.32
C PRO A 335 -32.00 -21.96 3.91
N GLY A 336 -32.37 -22.78 2.93
CA GLY A 336 -32.46 -22.36 1.55
C GLY A 336 -31.11 -22.17 0.87
N GLU A 337 -31.18 -21.59 -0.33
CA GLU A 337 -30.02 -21.29 -1.15
C GLU A 337 -30.05 -19.80 -1.50
N TYR A 338 -28.86 -19.21 -1.63
CA TYR A 338 -28.73 -17.79 -1.85
C TYR A 338 -28.11 -17.53 -3.22
N LEU A 339 -28.41 -16.36 -3.78
CA LEU A 339 -28.08 -16.03 -5.16
C LEU A 339 -26.92 -15.03 -5.16
N ILE A 340 -25.73 -15.50 -5.53
CA ILE A 340 -24.54 -14.67 -5.63
C ILE A 340 -24.08 -14.68 -7.08
N ARG A 341 -23.89 -13.48 -7.65
CA ARG A 341 -23.41 -13.32 -9.02
C ARG A 341 -22.06 -12.62 -8.97
N HIS A 342 -21.04 -13.24 -9.56
CA HIS A 342 -19.67 -12.75 -9.47
C HIS A 342 -18.93 -13.04 -10.77
N TRP A 343 -17.66 -12.63 -10.81
CA TRP A 343 -16.78 -12.91 -11.93
C TRP A 343 -15.97 -14.17 -11.67
N ASP A 344 -15.70 -14.93 -12.73
CA ASP A 344 -14.69 -15.97 -12.71
C ASP A 344 -13.60 -15.55 -13.70
N LEU A 345 -12.39 -15.35 -13.19
CA LEU A 345 -11.28 -14.83 -14.00
C LEU A 345 -10.02 -15.64 -13.70
N THR A 346 -9.44 -16.23 -14.74
CA THR A 346 -8.10 -16.80 -14.64
C THR A 346 -7.06 -15.68 -14.66
N VAL A 347 -5.97 -15.89 -13.92
CA VAL A 347 -4.98 -14.85 -13.67
C VAL A 347 -3.58 -15.46 -13.73
N GLU A 348 -2.64 -14.74 -14.35
CA GLU A 348 -1.25 -15.17 -14.43
C GLU A 348 -0.35 -14.12 -13.81
N THR A 349 0.82 -14.58 -13.34
CA THR A 349 1.73 -13.72 -12.57
C THR A 349 2.52 -12.80 -13.50
N TYR A 350 2.69 -11.55 -13.05
CA TYR A 350 3.26 -10.49 -13.87
C TYR A 350 4.45 -9.85 -13.15
N GLY A 351 5.47 -9.49 -13.92
CA GLY A 351 6.62 -8.79 -13.37
C GLY A 351 7.84 -9.65 -13.16
N ASP A 352 8.31 -9.72 -11.91
CA ASP A 352 9.49 -10.49 -11.56
C ASP A 352 9.21 -11.75 -10.77
N ASP A 353 8.05 -11.84 -10.10
CA ASP A 353 7.77 -12.95 -9.21
C ASP A 353 7.68 -14.27 -9.97
N GLU A 354 7.70 -15.37 -9.22
CA GLU A 354 7.57 -16.70 -9.80
C GLU A 354 6.21 -16.85 -10.47
N TYR A 355 6.17 -17.65 -11.53
CA TYR A 355 4.96 -17.77 -12.35
C TYR A 355 4.05 -18.85 -11.78
N TYR A 356 2.89 -18.44 -11.28
CA TYR A 356 1.81 -19.34 -10.92
C TYR A 356 0.56 -18.94 -11.71
N ARG A 357 -0.38 -19.87 -11.85
CA ARG A 357 -1.61 -19.62 -12.59
C ARG A 357 -2.76 -20.30 -11.88
N GLU A 358 -3.64 -19.52 -11.27
CA GLU A 358 -4.89 -20.02 -10.70
C GLU A 358 -5.94 -18.93 -10.82
N LYS A 359 -7.15 -19.21 -10.33
CA LYS A 359 -8.33 -18.42 -10.63
C LYS A 359 -8.96 -17.89 -9.34
N ILE A 360 -9.65 -16.75 -9.46
CA ILE A 360 -10.24 -16.06 -8.32
C ILE A 360 -11.68 -15.68 -8.63
N LYS A 361 -12.42 -15.37 -7.57
CA LYS A 361 -13.81 -14.92 -7.66
C LYS A 361 -13.89 -13.48 -7.16
N ILE A 362 -14.57 -12.63 -7.92
CA ILE A 362 -14.68 -11.20 -7.60
C ILE A 362 -16.08 -10.73 -7.99
N ILE A 363 -16.74 -10.01 -7.08
CA ILE A 363 -18.04 -9.41 -7.32
C ILE A 363 -17.85 -7.95 -7.67
N SER A 364 -18.41 -7.52 -8.81
CA SER A 364 -18.23 -6.16 -9.33
C SER A 364 -19.55 -5.40 -9.32
N SER A 365 -20.29 -5.50 -8.22
CA SER A 365 -21.59 -4.84 -8.14
C SER A 365 -21.83 -4.43 -6.69
N ASP A 366 -21.78 -3.12 -6.43
CA ASP A 366 -22.28 -2.62 -5.14
C ASP A 366 -23.73 -3.05 -4.93
N GLU A 367 -24.49 -3.19 -6.00
CA GLU A 367 -25.86 -3.66 -5.91
C GLU A 367 -25.91 -5.08 -5.34
N GLU A 368 -24.90 -5.89 -5.66
CA GLU A 368 -24.87 -7.29 -5.25
C GLU A 368 -23.80 -7.59 -4.21
N LEU A 369 -22.89 -6.65 -3.94
CA LEU A 369 -21.97 -6.84 -2.82
C LEU A 369 -22.74 -6.94 -1.50
N TYR A 370 -23.87 -6.24 -1.40
CA TYR A 370 -24.72 -6.37 -0.22
C TYR A 370 -25.30 -7.77 -0.10
N LYS A 371 -25.59 -8.41 -1.23
CA LYS A 371 -26.25 -9.71 -1.22
C LYS A 371 -25.36 -10.81 -0.66
N PHE A 372 -24.03 -10.64 -0.74
CA PHE A 372 -23.14 -11.61 -0.11
C PHE A 372 -22.90 -11.30 1.36
N ASN A 373 -23.04 -10.03 1.76
CA ASN A 373 -22.87 -9.67 3.17
C ASN A 373 -24.01 -10.22 4.04
N LEU A 374 -25.22 -10.30 3.49
CA LEU A 374 -26.36 -10.78 4.28
C LEU A 374 -26.23 -12.27 4.57
N PHE A 375 -25.76 -13.06 3.60
CA PHE A 375 -25.40 -14.45 3.88
C PHE A 375 -24.42 -14.51 5.04
N LEU A 376 -23.31 -13.77 4.95
CA LEU A 376 -22.38 -13.65 6.06
C LEU A 376 -23.02 -12.94 7.26
N GLY A 377 -24.14 -12.27 7.05
CA GLY A 377 -24.84 -11.62 8.14
C GLY A 377 -25.80 -12.53 8.89
N LYS A 378 -26.75 -13.12 8.17
CA LYS A 378 -27.71 -14.03 8.81
C LYS A 378 -27.05 -15.29 9.33
N THR A 379 -25.90 -15.68 8.77
CA THR A 379 -25.19 -16.86 9.28
C THR A 379 -24.70 -16.66 10.70
N ALA A 380 -24.31 -15.43 11.05
CA ALA A 380 -23.75 -15.16 12.37
C ALA A 380 -24.72 -15.59 13.46
N GLU A 381 -25.97 -15.12 13.39
CA GLU A 381 -26.99 -15.49 14.39
C GLU A 381 -27.03 -16.99 14.62
N THR A 382 -26.99 -17.78 13.53
CA THR A 382 -27.00 -19.23 13.66
C THR A 382 -25.78 -19.71 14.44
N TYR A 383 -24.60 -19.17 14.12
CA TYR A 383 -23.39 -19.56 14.84
C TYR A 383 -23.20 -18.79 16.14
N LYS A 384 -23.73 -17.56 16.24
CA LYS A 384 -23.69 -16.84 17.51
C LYS A 384 -24.37 -17.63 18.61
N ASN A 385 -25.29 -18.53 18.26
CA ASN A 385 -25.71 -19.60 19.16
C ASN A 385 -26.26 -20.73 18.29
N TRP A 386 -25.47 -21.78 18.11
CA TRP A 386 -25.92 -22.99 17.41
C TRP A 386 -25.90 -24.12 18.42
N ASN A 387 -26.99 -24.22 19.18
CA ASN A 387 -27.14 -25.23 20.24
C ASN A 387 -28.01 -26.39 19.79
N LYS A 388 -28.32 -26.48 18.50
CA LYS A 388 -29.12 -27.57 17.96
C LYS A 388 -28.22 -28.80 17.76
N GLY A 389 -27.50 -29.16 18.80
CA GLY A 389 -26.57 -30.28 18.78
C GLY A 389 -25.11 -29.88 18.88
N GLY A 390 -24.55 -29.94 20.08
CA GLY A 390 -23.12 -29.79 20.24
C GLY A 390 -22.61 -28.39 19.91
N LYS A 391 -21.47 -28.35 19.22
CA LYS A 391 -20.77 -27.11 18.91
C LYS A 391 -21.12 -26.61 17.51
N ALA A 392 -20.90 -25.30 17.29
CA ALA A 392 -21.26 -24.64 16.03
C ALA A 392 -20.21 -24.90 14.95
N PRO A 393 -20.64 -25.15 13.70
CA PRO A 393 -19.71 -25.39 12.56
C PRO A 393 -19.24 -24.14 11.81
N TRP A 394 -18.27 -23.45 12.39
CA TRP A 394 -17.76 -22.20 11.81
C TRP A 394 -16.92 -22.39 10.55
N SER A 395 -16.79 -23.61 10.04
CA SER A 395 -15.92 -23.86 8.89
C SER A 395 -16.41 -23.12 7.65
N ASP A 396 -17.64 -23.42 7.20
CA ASP A 396 -18.17 -22.87 5.96
C ASP A 396 -18.42 -21.37 6.01
N PHE A 397 -18.26 -20.73 7.18
CA PHE A 397 -18.24 -19.27 7.22
C PHE A 397 -16.98 -18.74 6.54
N TRP A 398 -15.81 -19.12 7.05
CA TRP A 398 -14.55 -18.70 6.45
C TRP A 398 -14.22 -19.48 5.18
N ASP A 399 -14.72 -20.71 5.04
CA ASP A 399 -14.50 -21.45 3.81
C ASP A 399 -15.21 -20.80 2.62
N ALA A 400 -16.34 -20.12 2.87
CA ALA A 400 -17.03 -19.40 1.81
C ALA A 400 -16.46 -18.00 1.62
N LYS A 401 -16.12 -17.31 2.72
CA LYS A 401 -15.60 -15.95 2.60
C LYS A 401 -14.22 -15.93 1.97
N SER A 402 -13.42 -16.99 2.18
CA SER A 402 -12.11 -17.11 1.57
C SER A 402 -12.18 -17.60 0.12
N GLN A 403 -13.37 -17.64 -0.47
CA GLN A 403 -13.51 -17.95 -1.90
C GLN A 403 -13.24 -16.72 -2.76
N PHE A 404 -13.67 -15.55 -2.28
CA PHE A 404 -13.67 -14.33 -3.07
C PHE A 404 -12.41 -13.52 -2.75
N SER A 405 -12.31 -12.35 -3.36
CA SER A 405 -11.15 -11.48 -3.17
C SER A 405 -11.54 -10.06 -3.57
N LYS A 406 -10.66 -9.12 -3.24
CA LYS A 406 -10.80 -7.73 -3.61
C LYS A 406 -9.63 -7.33 -4.49
N VAL A 407 -9.91 -6.52 -5.52
CA VAL A 407 -8.91 -6.06 -6.46
C VAL A 407 -9.18 -4.58 -6.77
N LYS A 408 -8.34 -4.00 -7.63
CA LYS A 408 -8.49 -2.62 -8.07
C LYS A 408 -7.66 -2.44 -9.32
N ALA A 409 -8.03 -1.44 -10.12
CA ALA A 409 -7.28 -1.15 -11.33
C ALA A 409 -5.93 -0.52 -10.99
N LEU A 410 -5.01 -0.61 -11.95
CA LEU A 410 -3.66 -0.06 -11.83
C LEU A 410 -3.61 1.47 -12.03
N PRO A 411 -4.31 2.05 -13.02
CA PRO A 411 -4.15 3.50 -13.22
C PRO A 411 -4.59 4.35 -12.03
N ALA A 412 -5.65 3.95 -11.32
CA ALA A 412 -6.17 4.72 -10.20
C ALA A 412 -6.06 3.89 -8.93
N SER A 413 -5.19 4.30 -8.02
CA SER A 413 -5.09 3.72 -6.69
C SER A 413 -5.31 4.81 -5.65
N THR A 414 -5.70 4.38 -4.45
CA THR A 414 -6.02 5.33 -3.39
C THR A 414 -4.74 5.97 -2.84
N PHE A 415 -4.92 7.00 -2.01
CA PHE A 415 -3.78 7.66 -1.38
C PHE A 415 -3.12 6.78 -0.33
N HIS A 416 -3.91 6.02 0.43
CA HIS A 416 -3.36 5.21 1.51
C HIS A 416 -2.46 4.11 0.96
N LYS A 417 -2.87 3.47 -0.14
CA LYS A 417 -2.17 2.33 -0.71
C LYS A 417 -1.06 2.73 -1.68
N ALA A 418 -1.04 3.98 -2.14
CA ALA A 418 -0.01 4.45 -3.07
C ALA A 418 1.13 5.07 -2.29
N GLN A 419 2.02 4.22 -1.80
CA GLN A 419 3.17 4.63 -1.02
C GLN A 419 4.34 3.71 -1.35
N GLY A 420 5.53 4.08 -0.87
CA GLY A 420 6.72 3.26 -1.05
C GLY A 420 7.20 3.10 -2.47
N MET A 421 6.45 3.56 -3.46
CA MET A 421 6.86 3.47 -4.86
C MET A 421 6.75 4.86 -5.47
N SER A 422 7.84 5.33 -6.07
CA SER A 422 7.89 6.63 -6.72
C SER A 422 7.65 6.47 -8.21
N VAL A 423 6.72 7.24 -8.74
CA VAL A 423 6.35 7.17 -10.15
C VAL A 423 6.88 8.44 -10.85
N ASP A 424 6.84 8.42 -12.17
CA ASP A 424 7.36 9.55 -12.95
C ASP A 424 6.42 10.75 -12.87
N ARG A 425 5.21 10.59 -13.38
CA ARG A 425 4.24 11.68 -13.47
C ARG A 425 3.02 11.31 -12.62
N ALA A 426 2.63 12.21 -11.72
CA ALA A 426 1.61 11.94 -10.72
C ALA A 426 0.40 12.83 -10.91
N PHE A 427 -0.76 12.31 -10.52
CA PHE A 427 -2.02 13.03 -10.56
C PHE A 427 -2.68 12.95 -9.20
N ILE A 428 -3.50 13.97 -8.88
CA ILE A 428 -4.07 14.14 -7.55
C ILE A 428 -5.55 14.50 -7.69
N TYR A 429 -6.34 14.19 -6.67
CA TYR A 429 -7.73 14.62 -6.60
C TYR A 429 -8.02 15.13 -5.20
N THR A 430 -8.31 16.44 -5.08
CA THR A 430 -8.52 17.12 -3.81
C THR A 430 -9.92 16.99 -3.20
N PRO A 431 -11.03 17.16 -3.96
CA PRO A 431 -12.34 17.34 -3.31
C PRO A 431 -12.74 16.29 -2.28
N CYS A 432 -12.16 15.08 -2.31
CA CYS A 432 -12.52 14.04 -1.37
C CYS A 432 -11.74 14.11 -0.05
N ILE A 433 -10.97 15.17 0.19
CA ILE A 433 -10.11 15.26 1.35
C ILE A 433 -10.65 16.24 2.39
N HIS A 434 -11.89 16.73 2.22
CA HIS A 434 -12.51 17.51 3.30
C HIS A 434 -12.70 16.65 4.54
N TYR A 435 -13.14 15.40 4.37
CA TYR A 435 -13.44 14.54 5.49
C TYR A 435 -12.18 14.12 6.23
N ALA A 436 -11.02 14.19 5.59
CA ALA A 436 -9.76 13.98 6.29
C ALA A 436 -9.54 15.08 7.32
N ASP A 437 -9.08 14.68 8.50
CA ASP A 437 -8.83 15.63 9.58
C ASP A 437 -7.59 16.46 9.28
N VAL A 438 -7.22 17.30 10.26
CA VAL A 438 -6.10 18.22 10.07
C VAL A 438 -4.77 17.48 10.01
N GLU A 439 -4.63 16.37 10.74
CA GLU A 439 -3.34 15.70 10.83
C GLU A 439 -3.12 14.68 9.74
N LEU A 440 -4.18 13.99 9.29
CA LEU A 440 -4.05 13.13 8.12
C LEU A 440 -3.89 13.92 6.84
N ALA A 441 -4.38 15.16 6.80
CA ALA A 441 -4.33 15.96 5.58
C ALA A 441 -2.90 16.17 5.10
N GLN A 442 -2.06 16.75 5.97
CA GLN A 442 -0.68 17.04 5.56
C GLN A 442 0.09 15.76 5.29
N GLN A 443 -0.22 14.69 6.01
CA GLN A 443 0.36 13.38 5.74
C GLN A 443 -0.22 12.75 4.48
N LEU A 444 -1.39 13.20 4.03
CA LEU A 444 -1.94 12.76 2.74
C LEU A 444 -1.33 13.52 1.58
N LEU A 445 -1.09 14.82 1.75
CA LEU A 445 -0.51 15.61 0.67
C LEU A 445 1.01 15.40 0.57
N TYR A 446 1.68 15.24 1.71
CA TYR A 446 3.09 14.89 1.69
C TYR A 446 3.31 13.64 0.85
N VAL A 447 2.58 12.56 1.16
CA VAL A 447 2.62 11.38 0.32
C VAL A 447 1.90 11.62 -1.00
N GLY A 448 1.01 12.61 -1.06
CA GLY A 448 0.31 12.89 -2.30
C GLY A 448 1.19 13.55 -3.35
N VAL A 449 2.07 14.45 -2.93
CA VAL A 449 2.95 15.14 -3.86
C VAL A 449 4.19 14.29 -4.16
N THR A 450 4.75 13.64 -3.14
CA THR A 450 6.08 13.02 -3.22
C THR A 450 6.13 11.82 -4.17
N ARG A 451 5.01 11.35 -4.69
CA ARG A 451 5.03 10.12 -5.47
C ARG A 451 5.59 10.34 -6.88
N GLY A 452 5.11 11.37 -7.58
CA GLY A 452 5.66 11.71 -8.87
C GLY A 452 7.03 12.35 -8.76
N ARG A 453 8.05 11.71 -9.32
CA ARG A 453 9.41 12.24 -9.20
C ARG A 453 9.52 13.62 -9.83
N TYR A 454 9.17 13.72 -11.11
CA TYR A 454 9.39 14.94 -11.90
C TYR A 454 8.13 15.78 -12.04
N ASP A 455 7.07 15.20 -12.60
CA ASP A 455 5.84 15.93 -12.87
C ASP A 455 4.77 15.54 -11.85
N VAL A 456 4.05 16.55 -11.36
CA VAL A 456 2.95 16.35 -10.42
C VAL A 456 1.82 17.30 -10.82
N PHE A 457 0.67 16.74 -11.18
CA PHE A 457 -0.51 17.51 -11.54
C PHE A 457 -1.59 17.25 -10.50
N TYR A 458 -2.34 18.29 -10.13
CA TYR A 458 -3.39 18.16 -9.13
C TYR A 458 -4.64 18.86 -9.65
N VAL A 459 -5.60 19.08 -8.77
CA VAL A 459 -6.87 19.71 -9.14
C VAL A 459 -7.46 20.47 -7.97
N ALA B 1 -15.06 35.59 -2.67
CA ALA B 1 -15.34 34.25 -3.16
C ALA B 1 -14.35 33.23 -2.60
N ALA B 2 -14.23 33.17 -1.27
CA ALA B 2 -13.37 32.22 -0.59
C ALA B 2 -14.03 30.86 -0.40
N THR B 3 -15.05 30.54 -1.20
CA THR B 3 -15.83 29.34 -1.02
C THR B 3 -15.05 28.10 -1.47
N ALA B 4 -14.02 27.74 -0.70
CA ALA B 4 -13.32 26.48 -0.96
C ALA B 4 -14.22 25.28 -0.72
N ALA B 5 -15.34 25.47 -0.03
CA ALA B 5 -16.30 24.40 0.14
C ALA B 5 -17.07 24.13 -1.14
N LYS B 6 -17.66 25.17 -1.74
CA LYS B 6 -18.42 24.98 -2.96
C LYS B 6 -17.53 24.62 -4.14
N LYS B 7 -16.40 25.31 -4.29
CA LYS B 7 -15.51 25.04 -5.42
C LYS B 7 -15.02 23.60 -5.41
N ALA B 8 -14.89 23.00 -4.22
CA ALA B 8 -14.60 21.58 -4.15
C ALA B 8 -15.80 20.72 -4.51
N ASP B 9 -17.03 21.27 -4.38
CA ASP B 9 -18.22 20.52 -4.77
C ASP B 9 -18.50 20.64 -6.25
N LYS B 10 -18.21 21.81 -6.84
CA LYS B 10 -18.28 21.95 -8.29
C LYS B 10 -17.41 20.91 -8.98
N VAL B 11 -16.20 20.71 -8.46
CA VAL B 11 -15.34 19.64 -8.98
C VAL B 11 -15.79 18.26 -8.52
N ALA B 12 -16.54 18.17 -7.42
CA ALA B 12 -17.03 16.88 -6.96
C ALA B 12 -18.12 16.35 -7.87
N ASP B 13 -19.06 17.21 -8.28
CA ASP B 13 -20.17 16.78 -9.12
C ASP B 13 -19.75 16.53 -10.55
N ASP B 14 -18.83 17.34 -11.08
CA ASP B 14 -18.33 17.09 -12.43
C ASP B 14 -17.59 15.75 -12.53
N LEU B 15 -17.11 15.20 -11.41
CA LEU B 15 -16.59 13.84 -11.43
C LEU B 15 -17.73 12.83 -11.31
N ASP B 16 -18.76 13.15 -10.53
CA ASP B 16 -19.95 12.30 -10.41
C ASP B 16 -20.51 11.94 -11.79
N ALA B 17 -20.92 12.94 -12.54
CA ALA B 17 -21.40 12.77 -13.92
C ALA B 17 -20.41 13.47 -14.83
N PHE B 18 -19.36 12.75 -15.23
CA PHE B 18 -18.40 13.34 -16.15
C PHE B 18 -18.97 13.38 -17.56
N ASN B 19 -18.35 14.20 -18.39
CA ASN B 19 -18.90 14.52 -19.71
C ASN B 19 -19.15 13.26 -20.53
N VAL B 20 -20.11 13.35 -21.44
CA VAL B 20 -20.43 12.28 -22.38
C VAL B 20 -19.15 11.82 -23.05
N ASP B 21 -18.82 10.54 -22.91
CA ASP B 21 -17.53 10.04 -23.37
C ASP B 21 -17.40 10.20 -24.88
N ASP B 22 -16.16 10.44 -25.33
CA ASP B 22 -15.89 10.94 -26.66
C ASP B 22 -15.58 9.82 -27.66
#